data_7Y6O
#
_entry.id   7Y6O
#
_cell.length_a   117.484
_cell.length_b   117.484
_cell.length_c   171.494
_cell.angle_alpha   90.00
_cell.angle_beta   90.00
_cell.angle_gamma   120.00
#
_symmetry.space_group_name_H-M   'H 3 2'
#
loop_
_entity.id
_entity.type
_entity.pdbx_description
1 polymer 'Down Syndrome Cell Adhesion Molecules'
2 non-polymer 2-acetamido-2-deoxy-beta-D-glucopyranose
#
_entity_poly.entity_id   1
_entity_poly.type   'polypeptide(L)'
_entity_poly.pdbx_seq_one_letter_code
;GSPPIINHFHFSKDIKEGERQQVICGLKSGDPPFTFSWLKDGIDIKNFPEINIVDVPVSYISVLVISSVEAKHIGNYTCI
IKNSNGMDSYTATLMMKVPPRWVKEPTDVAATLGSRLTIDCSATGYPQPQITWDKLTDRSEHQLPVGSDSQRTLASNGSL
TFLRVDESDKGVYICQAYNGIGNGLQKKIHLTVHVAPKVKEDFTVITVRKGFTAHLKCEVFGEPPLNIIWKKEDKIIAGE
KGSRFETLQENTANGATSDTLINDSQQNDSGIYTCHVSSQFGEAEGKIQLVVLES
;
_entity_poly.pdbx_strand_id   A
#
loop_
_chem_comp.id
_chem_comp.type
_chem_comp.name
_chem_comp.formula
NAG D-saccharide, beta linking 2-acetamido-2-deoxy-beta-D-glucopyranose 'C8 H15 N O6'
#
# COMPACT_ATOMS: atom_id res chain seq x y z
N SER A 2 41.02 45.42 -10.48
CA SER A 2 39.77 45.51 -9.76
C SER A 2 39.25 44.12 -9.38
N PRO A 3 38.51 44.03 -8.28
CA PRO A 3 37.98 42.73 -7.87
C PRO A 3 36.91 42.26 -8.84
N PRO A 4 36.73 40.95 -8.98
CA PRO A 4 35.69 40.46 -9.89
C PRO A 4 34.30 40.69 -9.29
N ILE A 5 33.34 41.00 -10.16
CA ILE A 5 31.94 41.05 -9.79
C ILE A 5 31.18 40.07 -10.68
N ILE A 6 30.14 39.47 -10.12
CA ILE A 6 29.51 38.29 -10.68
C ILE A 6 28.15 38.65 -11.26
N ASN A 7 27.79 37.96 -12.35
CA ASN A 7 26.48 38.09 -12.97
C ASN A 7 25.54 37.05 -12.36
N HIS A 8 24.49 37.52 -11.69
CA HIS A 8 23.57 36.63 -11.00
C HIS A 8 22.98 35.62 -11.97
N PHE A 9 22.90 34.37 -11.52
CA PHE A 9 22.34 33.28 -12.31
C PHE A 9 21.27 32.57 -11.50
N HIS A 10 20.42 31.81 -12.21
CA HIS A 10 19.27 31.20 -11.57
C HIS A 10 18.93 29.89 -12.28
N PHE A 11 18.35 28.96 -11.52
CA PHE A 11 17.82 27.72 -12.07
C PHE A 11 16.39 27.94 -12.53
N SER A 12 15.92 27.01 -13.36
CA SER A 12 14.57 27.13 -13.92
C SER A 12 13.53 27.11 -12.81
N LYS A 13 12.29 27.48 -13.17
CA LYS A 13 11.29 27.75 -12.15
C LYS A 13 10.52 26.52 -11.71
N ASP A 14 9.91 25.79 -12.64
CA ASP A 14 9.13 24.60 -12.30
C ASP A 14 9.88 23.37 -12.81
N ILE A 15 10.83 22.92 -12.01
CA ILE A 15 11.77 21.89 -12.43
C ILE A 15 11.18 20.51 -12.16
N LYS A 16 11.40 19.60 -13.11
CA LYS A 16 10.87 18.25 -13.05
C LYS A 16 12.00 17.25 -13.28
N GLU A 17 11.80 16.03 -12.78
CA GLU A 17 12.90 15.09 -12.58
C GLU A 17 13.77 14.94 -13.83
N GLY A 18 13.14 14.79 -14.99
CA GLY A 18 13.89 14.44 -16.18
C GLY A 18 14.78 15.55 -16.70
N GLU A 19 14.40 16.80 -16.46
CA GLU A 19 14.95 17.93 -17.18
C GLU A 19 16.45 18.10 -16.92
N ARG A 20 17.12 18.75 -17.86
CA ARG A 20 18.48 19.21 -17.69
C ARG A 20 18.47 20.63 -17.16
N GLN A 21 19.56 21.03 -16.52
CA GLN A 21 19.70 22.38 -16.00
C GLN A 21 21.13 22.86 -16.20
N GLN A 22 21.25 24.08 -16.71
CA GLN A 22 22.54 24.74 -16.89
C GLN A 22 22.45 26.14 -16.29
N VAL A 23 23.48 26.51 -15.55
CA VAL A 23 23.61 27.86 -15.01
C VAL A 23 25.01 28.37 -15.34
N ILE A 24 25.07 29.62 -15.80
CA ILE A 24 26.32 30.22 -16.25
C ILE A 24 26.81 31.21 -15.20
N CYS A 25 28.06 31.05 -14.80
CA CYS A 25 28.71 31.99 -13.90
C CYS A 25 29.61 32.88 -14.76
N GLY A 26 29.16 34.12 -14.99
CA GLY A 26 29.92 35.07 -15.77
C GLY A 26 30.21 36.32 -14.96
N LEU A 27 31.03 37.18 -15.55
CA LEU A 27 31.48 38.39 -14.86
C LEU A 27 30.77 39.63 -15.37
N LYS A 28 30.58 40.59 -14.45
CA LYS A 28 30.26 41.95 -14.82
C LYS A 28 31.53 42.73 -15.13
N SER A 29 32.53 42.60 -14.26
CA SER A 29 33.71 43.45 -14.30
C SER A 29 34.78 42.79 -13.44
N GLY A 30 36.01 43.25 -13.61
CA GLY A 30 37.15 42.71 -12.88
C GLY A 30 38.28 42.39 -13.84
N ASP A 31 39.51 42.51 -13.33
CA ASP A 31 40.67 42.31 -14.17
C ASP A 31 41.21 40.88 -14.05
N PRO A 32 41.55 40.26 -15.18
CA PRO A 32 42.08 38.89 -15.16
C PRO A 32 43.47 38.86 -14.55
N PRO A 33 44.03 37.65 -14.29
CA PRO A 33 43.50 36.31 -14.54
C PRO A 33 42.47 35.89 -13.49
N PHE A 34 41.64 34.91 -13.83
CA PHE A 34 40.54 34.50 -12.98
C PHE A 34 40.67 33.02 -12.63
N THR A 35 39.97 32.62 -11.58
CA THR A 35 39.88 31.21 -11.20
C THR A 35 38.44 30.95 -10.76
N PHE A 36 37.78 30.03 -11.46
CA PHE A 36 36.39 29.69 -11.18
C PHE A 36 36.34 28.48 -10.24
N SER A 37 35.30 28.46 -9.40
CA SER A 37 35.16 27.41 -8.41
C SER A 37 33.70 27.26 -8.05
N TRP A 38 33.24 26.02 -7.94
CA TRP A 38 31.83 25.72 -7.72
C TRP A 38 31.65 24.95 -6.43
N LEU A 39 30.51 25.19 -5.77
CA LEU A 39 30.16 24.52 -4.53
C LEU A 39 28.69 24.17 -4.55
N LYS A 40 28.32 23.11 -3.83
CA LYS A 40 26.94 22.76 -3.56
C LYS A 40 26.77 22.59 -2.06
N ASP A 41 26.07 23.53 -1.44
CA ASP A 41 25.76 23.46 0.00
C ASP A 41 27.03 23.28 0.84
N GLY A 42 28.09 23.99 0.45
CA GLY A 42 29.36 23.93 1.16
C GLY A 42 30.29 22.83 0.72
N ILE A 43 29.81 21.87 -0.07
CA ILE A 43 30.64 20.78 -0.57
C ILE A 43 31.11 21.14 -1.98
N ASP A 44 32.35 20.79 -2.28
CA ASP A 44 32.90 21.09 -3.60
C ASP A 44 32.26 20.20 -4.65
N ILE A 45 32.16 20.74 -5.88
CA ILE A 45 31.44 20.06 -6.96
C ILE A 45 32.20 18.88 -7.55
N LYS A 46 33.49 18.73 -7.24
CA LYS A 46 34.21 17.55 -7.70
C LYS A 46 33.61 16.28 -7.11
N ASN A 47 32.99 16.38 -5.93
CA ASN A 47 32.38 15.23 -5.29
C ASN A 47 31.32 14.60 -6.18
N PHE A 48 30.32 15.38 -6.56
CA PHE A 48 29.20 14.91 -7.37
C PHE A 48 29.64 14.81 -8.82
N PRO A 49 29.93 13.59 -9.32
CA PRO A 49 30.46 13.48 -10.69
C PRO A 49 29.39 13.50 -11.77
N GLU A 50 28.15 13.11 -11.44
CA GLU A 50 27.05 13.31 -12.37
C GLU A 50 26.81 14.79 -12.68
N ILE A 51 27.36 15.68 -11.86
CA ILE A 51 27.48 17.08 -12.20
C ILE A 51 28.87 17.29 -12.80
N ASN A 52 28.93 17.83 -14.01
CA ASN A 52 30.18 18.27 -14.60
C ASN A 52 30.02 19.72 -15.00
N ILE A 53 31.11 20.48 -14.87
CA ILE A 53 31.12 21.90 -15.19
C ILE A 53 31.91 22.12 -16.47
N VAL A 54 31.34 22.92 -17.36
CA VAL A 54 32.04 23.40 -18.54
C VAL A 54 32.63 24.76 -18.21
N ASP A 55 33.93 24.93 -18.44
CA ASP A 55 34.60 26.20 -18.18
C ASP A 55 35.34 26.64 -19.43
N VAL A 56 35.12 27.88 -19.83
CA VAL A 56 35.85 28.50 -20.93
C VAL A 56 36.44 29.82 -20.44
N PRO A 57 37.61 29.79 -19.80
CA PRO A 57 38.13 31.00 -19.15
C PRO A 57 38.45 32.13 -20.11
N VAL A 58 38.64 31.82 -21.40
CA VAL A 58 38.90 32.87 -22.38
C VAL A 58 37.73 33.85 -22.44
N SER A 59 36.51 33.35 -22.26
CA SER A 59 35.30 34.16 -22.28
C SER A 59 34.86 34.60 -20.89
N TYR A 60 35.65 34.29 -19.86
CA TYR A 60 35.42 34.76 -18.48
C TYR A 60 34.16 34.15 -17.87
N ILE A 61 33.86 32.90 -18.22
CA ILE A 61 32.65 32.23 -17.75
C ILE A 61 32.93 30.77 -17.41
N SER A 62 32.06 30.21 -16.60
CA SER A 62 32.04 28.79 -16.27
C SER A 62 30.59 28.36 -16.11
N VAL A 63 30.25 27.20 -16.67
CA VAL A 63 28.88 26.70 -16.71
C VAL A 63 28.79 25.41 -15.92
N LEU A 64 27.81 25.33 -15.02
CA LEU A 64 27.45 24.09 -14.35
C LEU A 64 26.31 23.43 -15.12
N VAL A 65 26.40 22.11 -15.30
CA VAL A 65 25.40 21.35 -16.04
C VAL A 65 24.93 20.16 -15.20
N ILE A 66 23.62 19.90 -15.25
CA ILE A 66 23.02 18.72 -14.62
C ILE A 66 22.17 18.07 -15.70
N SER A 67 22.55 16.87 -16.13
CA SER A 67 21.92 16.28 -17.30
C SER A 67 20.52 15.76 -17.00
N SER A 68 20.24 15.40 -15.75
CA SER A 68 18.91 14.96 -15.36
C SER A 68 18.77 15.19 -13.87
N VAL A 69 17.86 16.09 -13.49
CA VAL A 69 17.76 16.57 -12.11
C VAL A 69 16.97 15.57 -11.26
N GLU A 70 17.70 14.72 -10.54
CA GLU A 70 17.08 13.95 -9.46
C GLU A 70 17.09 14.79 -8.20
N ALA A 71 16.07 14.58 -7.35
CA ALA A 71 15.79 15.48 -6.24
C ALA A 71 16.96 15.67 -5.28
N LYS A 72 17.99 14.82 -5.34
CA LYS A 72 19.19 15.05 -4.54
C LYS A 72 19.88 16.36 -4.93
N HIS A 73 19.68 16.83 -6.17
CA HIS A 73 20.31 18.05 -6.66
C HIS A 73 19.73 19.30 -6.01
N ILE A 74 18.58 19.20 -5.35
CA ILE A 74 18.00 20.34 -4.66
C ILE A 74 18.99 20.89 -3.65
N GLY A 75 19.06 22.21 -3.56
CA GLY A 75 19.99 22.84 -2.65
C GLY A 75 20.53 24.11 -3.24
N ASN A 76 21.59 24.61 -2.62
CA ASN A 76 22.20 25.88 -3.00
C ASN A 76 23.52 25.62 -3.71
N TYR A 77 23.66 26.17 -4.91
CA TYR A 77 24.89 26.07 -5.69
C TYR A 77 25.58 27.43 -5.71
N THR A 78 26.87 27.46 -5.39
CA THR A 78 27.64 28.68 -5.28
C THR A 78 28.77 28.66 -6.30
N CYS A 79 28.91 29.75 -7.04
CA CYS A 79 30.06 29.98 -7.91
C CYS A 79 30.92 31.07 -7.31
N ILE A 80 32.23 30.81 -7.23
CA ILE A 80 33.19 31.76 -6.70
C ILE A 80 34.17 32.10 -7.81
N ILE A 81 34.37 33.39 -8.05
CA ILE A 81 35.37 33.90 -8.98
C ILE A 81 36.40 34.66 -8.16
N LYS A 82 37.68 34.35 -8.36
CA LYS A 82 38.76 34.99 -7.61
C LYS A 82 39.82 35.51 -8.57
N ASN A 83 40.33 36.70 -8.28
CA ASN A 83 41.51 37.24 -8.94
C ASN A 83 42.48 37.78 -7.90
N SER A 84 43.56 38.42 -8.37
CA SER A 84 44.58 38.95 -7.46
C SER A 84 44.19 40.28 -6.83
N ASN A 85 42.90 40.62 -6.82
CA ASN A 85 42.39 41.78 -6.08
C ASN A 85 41.25 41.45 -5.13
N GLY A 86 40.67 40.27 -5.23
CA GLY A 86 39.56 39.89 -4.37
C GLY A 86 38.75 38.79 -5.02
N MET A 87 37.59 38.53 -4.43
CA MET A 87 36.69 37.52 -4.95
C MET A 87 35.24 37.99 -4.81
N ASP A 88 34.42 37.57 -5.76
CA ASP A 88 32.97 37.65 -5.63
C ASP A 88 32.40 36.25 -5.67
N SER A 89 31.18 36.12 -5.16
CA SER A 89 30.51 34.84 -5.14
C SER A 89 29.01 35.07 -5.25
N TYR A 90 28.31 34.07 -5.75
CA TYR A 90 26.86 34.13 -5.83
C TYR A 90 26.30 32.72 -5.75
N THR A 91 25.22 32.57 -4.98
CA THR A 91 24.57 31.29 -4.77
C THR A 91 23.17 31.32 -5.35
N ALA A 92 22.79 30.24 -6.04
CA ALA A 92 21.45 30.07 -6.56
C ALA A 92 20.89 28.74 -6.06
N THR A 93 19.57 28.71 -5.89
CA THR A 93 18.90 27.56 -5.29
C THR A 93 18.21 26.73 -6.37
N LEU A 94 18.45 25.43 -6.33
CA LEU A 94 17.74 24.47 -7.17
C LEU A 94 16.52 23.96 -6.40
N MET A 95 15.34 24.27 -6.91
CA MET A 95 14.08 23.97 -6.23
C MET A 95 13.25 23.03 -7.08
N MET A 96 12.52 22.13 -6.42
CA MET A 96 11.71 21.14 -7.11
C MET A 96 10.56 20.72 -6.21
N LYS A 97 9.37 20.61 -6.81
CA LYS A 97 8.18 20.17 -6.10
C LYS A 97 7.51 19.05 -6.88
N VAL A 98 7.02 18.05 -6.16
CA VAL A 98 6.26 16.95 -6.74
C VAL A 98 5.00 16.74 -5.90
N PRO A 99 3.81 16.97 -6.45
CA PRO A 99 2.59 16.74 -5.69
C PRO A 99 2.33 15.24 -5.55
N PRO A 100 1.50 14.84 -4.59
CA PRO A 100 1.34 13.41 -4.31
C PRO A 100 0.67 12.66 -5.44
N ARG A 101 1.20 11.47 -5.75
CA ARG A 101 0.53 10.48 -6.57
C ARG A 101 0.37 9.21 -5.75
N TRP A 102 -0.70 8.47 -6.03
CA TRP A 102 -0.97 7.25 -5.29
C TRP A 102 0.05 6.17 -5.63
N VAL A 103 0.58 5.51 -4.60
CA VAL A 103 1.33 4.27 -4.77
C VAL A 103 0.34 3.13 -4.58
N LYS A 104 -0.30 3.10 -3.41
CA LYS A 104 -1.35 2.12 -3.10
C LYS A 104 -2.62 2.87 -2.72
N GLU A 105 -3.55 2.98 -3.67
CA GLU A 105 -4.85 3.55 -3.39
C GLU A 105 -5.64 2.60 -2.49
N PRO A 106 -6.38 3.11 -1.52
CA PRO A 106 -7.32 2.26 -0.79
C PRO A 106 -8.64 2.13 -1.57
N THR A 107 -9.34 1.05 -1.29
CA THR A 107 -10.60 0.75 -1.95
C THR A 107 -11.61 0.26 -0.92
N ASP A 108 -12.84 0.07 -1.36
CA ASP A 108 -13.87 -0.54 -0.51
C ASP A 108 -13.36 -1.88 0.01
N VAL A 109 -13.69 -2.18 1.27
CA VAL A 109 -13.15 -3.35 1.94
C VAL A 109 -14.28 -4.11 2.61
N ALA A 110 -14.15 -5.44 2.63
CA ALA A 110 -15.09 -6.33 3.30
C ALA A 110 -14.29 -7.17 4.29
N ALA A 111 -14.45 -6.88 5.58
CA ALA A 111 -13.61 -7.45 6.62
C ALA A 111 -14.32 -8.59 7.34
N THR A 112 -13.54 -9.52 7.86
CA THR A 112 -14.03 -10.61 8.68
C THR A 112 -14.03 -10.19 10.14
N LEU A 113 -15.17 -10.37 10.81
CA LEU A 113 -15.24 -10.07 12.23
C LEU A 113 -14.25 -10.92 13.02
N GLY A 114 -13.58 -10.30 13.98
CA GLY A 114 -12.58 -10.96 14.77
C GLY A 114 -11.23 -11.12 14.09
N SER A 115 -11.12 -10.80 12.81
CA SER A 115 -9.85 -10.91 12.10
C SER A 115 -9.00 -9.66 12.37
N ARG A 116 -7.80 -9.64 11.79
CA ARG A 116 -6.85 -8.56 11.99
C ARG A 116 -6.64 -7.86 10.64
N LEU A 117 -7.51 -6.90 10.34
CA LEU A 117 -7.49 -6.22 9.06
C LEU A 117 -6.31 -5.26 8.96
N THR A 118 -5.85 -5.03 7.73
CA THR A 118 -4.80 -4.05 7.44
C THR A 118 -5.13 -3.39 6.11
N ILE A 119 -5.71 -2.20 6.17
CA ILE A 119 -5.91 -1.38 4.98
C ILE A 119 -4.61 -0.65 4.68
N ASP A 120 -4.26 -0.57 3.40
CA ASP A 120 -3.07 0.14 2.95
C ASP A 120 -3.48 1.44 2.27
N CYS A 121 -2.63 2.45 2.41
CA CYS A 121 -2.84 3.73 1.72
C CYS A 121 -1.46 4.41 1.61
N SER A 122 -0.87 4.33 0.43
CA SER A 122 0.46 4.87 0.18
C SER A 122 0.40 5.95 -0.90
N ALA A 123 1.35 6.88 -0.83
CA ALA A 123 1.49 7.91 -1.84
C ALA A 123 2.95 8.35 -1.88
N THR A 124 3.31 9.07 -2.93
CA THR A 124 4.69 9.50 -3.11
C THR A 124 4.72 10.89 -3.72
N GLY A 125 5.84 11.57 -3.49
CA GLY A 125 6.03 12.93 -3.95
C GLY A 125 7.16 13.57 -3.18
N TYR A 126 7.39 14.85 -3.46
CA TYR A 126 8.38 15.62 -2.72
C TYR A 126 7.75 16.90 -2.18
N PRO A 127 7.76 17.13 -0.86
CA PRO A 127 8.31 16.21 0.14
C PRO A 127 7.48 14.92 0.26
N GLN A 128 7.98 13.93 0.98
CA GLN A 128 7.23 12.68 1.12
C GLN A 128 5.89 12.96 1.78
N PRO A 129 4.78 12.54 1.19
CA PRO A 129 3.47 12.98 1.68
C PRO A 129 3.12 12.35 3.02
N GLN A 130 2.28 13.06 3.77
CA GLN A 130 1.76 12.59 5.04
C GLN A 130 0.40 11.94 4.82
N ILE A 131 0.19 10.77 5.40
CA ILE A 131 -1.00 9.96 5.19
C ILE A 131 -1.83 10.00 6.47
N THR A 132 -3.06 10.51 6.37
CA THR A 132 -3.95 10.65 7.52
C THR A 132 -5.31 10.05 7.21
N TRP A 133 -5.87 9.37 8.20
CA TRP A 133 -7.16 8.70 8.08
C TRP A 133 -8.24 9.46 8.87
N ASP A 134 -9.37 9.71 8.22
CA ASP A 134 -10.55 10.28 8.85
C ASP A 134 -11.75 9.39 8.57
N LYS A 135 -12.44 8.97 9.62
CA LYS A 135 -13.66 8.19 9.48
C LYS A 135 -14.86 9.12 9.48
N LEU A 136 -15.86 8.78 8.68
CA LEU A 136 -17.08 9.58 8.57
C LEU A 136 -18.11 9.01 9.54
N THR A 137 -18.48 9.80 10.55
CA THR A 137 -19.54 9.42 11.47
C THR A 137 -20.89 9.85 10.90
N ASP A 138 -21.72 8.88 10.54
CA ASP A 138 -23.04 9.22 9.99
C ASP A 138 -24.01 9.76 11.04
N ARG A 139 -23.49 10.04 12.24
CA ARG A 139 -24.24 10.83 13.21
C ARG A 139 -24.44 12.25 12.69
N SER A 140 -23.51 12.75 11.88
CA SER A 140 -23.66 14.00 11.16
C SER A 140 -22.62 14.12 10.04
N GLU A 141 -22.33 12.99 9.37
CA GLU A 141 -21.33 12.89 8.29
C GLU A 141 -20.14 13.82 8.44
N HIS A 142 -19.53 13.81 9.63
CA HIS A 142 -18.38 14.66 9.92
C HIS A 142 -17.11 13.82 10.02
N GLN A 143 -16.00 14.40 9.54
CA GLN A 143 -14.72 13.72 9.64
C GLN A 143 -14.20 13.76 11.07
N LEU A 144 -13.62 12.64 11.49
CA LEU A 144 -12.88 12.57 12.74
C LEU A 144 -11.62 11.74 12.52
N PRO A 145 -10.44 12.29 12.77
CA PRO A 145 -9.20 11.54 12.55
C PRO A 145 -9.17 10.26 13.38
N VAL A 146 -8.82 9.15 12.73
CA VAL A 146 -8.86 7.83 13.35
C VAL A 146 -7.77 7.72 14.41
N GLY A 147 -6.52 7.56 13.96
CA GLY A 147 -5.39 7.50 14.87
C GLY A 147 -5.20 6.14 15.52
N SER A 148 -4.01 5.95 16.07
CA SER A 148 -3.61 4.67 16.67
C SER A 148 -4.22 4.55 18.06
N ASP A 149 -5.44 4.01 18.12
CA ASP A 149 -6.11 3.73 19.38
C ASP A 149 -5.58 2.42 19.95
N SER A 150 -6.19 2.00 21.06
CA SER A 150 -6.16 0.60 21.43
C SER A 150 -7.18 -0.11 20.55
N GLN A 151 -6.75 -1.18 19.90
CA GLN A 151 -7.49 -1.93 18.85
C GLN A 151 -7.35 -1.29 17.47
N ARG A 152 -6.41 -0.35 17.28
CA ARG A 152 -6.16 0.27 15.99
C ARG A 152 -4.69 0.65 15.89
N THR A 153 -4.25 0.98 14.68
CA THR A 153 -2.84 1.24 14.42
C THR A 153 -2.70 1.90 13.06
N LEU A 154 -1.73 2.82 12.95
CA LEU A 154 -1.32 3.41 11.68
C LEU A 154 0.19 3.24 11.56
N ALA A 155 0.62 2.38 10.64
CA ALA A 155 2.04 2.07 10.50
C ALA A 155 2.77 3.21 9.81
N SER A 156 4.10 3.06 9.73
CA SER A 156 5.03 4.04 9.18
C SER A 156 4.52 4.68 7.88
N ASN A 157 3.86 3.90 7.05
CA ASN A 157 3.48 4.28 5.69
C ASN A 157 1.98 4.48 5.53
N GLY A 158 1.27 4.77 6.62
CA GLY A 158 -0.15 5.05 6.52
C GLY A 158 -1.06 3.85 6.41
N SER A 159 -0.55 2.64 6.66
CA SER A 159 -1.39 1.45 6.62
C SER A 159 -2.19 1.36 7.92
N LEU A 160 -3.52 1.42 7.80
CA LEU A 160 -4.42 1.39 8.94
C LEU A 160 -4.75 -0.07 9.27
N THR A 161 -4.41 -0.48 10.49
CA THR A 161 -4.53 -1.88 10.90
C THR A 161 -5.48 -2.00 12.08
N PHE A 162 -6.48 -2.86 11.95
CA PHE A 162 -7.37 -3.22 13.04
C PHE A 162 -6.92 -4.53 13.65
N LEU A 163 -6.91 -4.58 14.98
CA LEU A 163 -6.47 -5.80 15.67
C LEU A 163 -7.57 -6.85 15.72
N ARG A 164 -8.73 -6.49 16.25
CA ARG A 164 -9.94 -7.31 16.15
C ARG A 164 -11.02 -6.47 15.50
N VAL A 165 -11.51 -6.91 14.34
CA VAL A 165 -12.53 -6.15 13.63
C VAL A 165 -13.86 -6.29 14.36
N ASP A 166 -14.58 -5.17 14.48
CA ASP A 166 -15.84 -5.12 15.20
C ASP A 166 -16.92 -4.48 14.34
N GLU A 167 -18.17 -4.72 14.74
CA GLU A 167 -19.28 -3.97 14.16
C GLU A 167 -19.10 -2.47 14.34
N SER A 168 -18.35 -2.08 15.38
CA SER A 168 -17.99 -0.67 15.58
C SER A 168 -17.27 -0.12 14.35
N ASP A 169 -16.52 -0.96 13.66
CA ASP A 169 -15.65 -0.52 12.57
C ASP A 169 -16.31 -0.70 11.21
N LYS A 170 -17.52 -0.15 11.03
CA LYS A 170 -18.19 -0.14 9.75
C LYS A 170 -18.32 1.30 9.26
N GLY A 171 -18.79 1.46 8.04
CA GLY A 171 -18.99 2.77 7.46
C GLY A 171 -17.84 3.19 6.57
N VAL A 172 -17.89 4.45 6.15
CA VAL A 172 -16.95 4.98 5.16
C VAL A 172 -15.81 5.70 5.86
N TYR A 173 -14.58 5.44 5.40
CA TYR A 173 -13.36 6.06 5.89
C TYR A 173 -12.70 6.80 4.74
N ILE A 174 -11.72 7.64 5.07
CA ILE A 174 -11.00 8.45 4.08
C ILE A 174 -9.55 8.56 4.50
N CYS A 175 -8.63 8.22 3.60
CA CYS A 175 -7.23 8.55 3.79
C CYS A 175 -6.84 9.70 2.86
N GLN A 176 -5.95 10.55 3.34
CA GLN A 176 -5.65 11.83 2.73
C GLN A 176 -4.14 11.99 2.69
N ALA A 177 -3.59 12.17 1.48
CA ALA A 177 -2.15 12.31 1.28
C ALA A 177 -1.85 13.75 0.90
N TYR A 178 -0.95 14.39 1.65
CA TYR A 178 -0.66 15.80 1.48
C TYR A 178 0.79 16.06 1.84
N ASN A 179 1.49 16.82 1.00
CA ASN A 179 2.89 17.18 1.25
C ASN A 179 3.13 18.68 1.18
N GLY A 180 2.09 19.49 1.00
CA GLY A 180 2.20 20.91 0.85
C GLY A 180 2.07 21.40 -0.58
N ILE A 181 2.34 20.55 -1.56
CA ILE A 181 2.17 20.89 -2.96
C ILE A 181 0.77 20.51 -3.39
N GLY A 182 0.16 21.34 -4.25
CA GLY A 182 -1.21 21.15 -4.67
C GLY A 182 -2.16 21.04 -3.50
N ASN A 183 -3.33 20.45 -3.71
CA ASN A 183 -4.22 20.13 -2.61
C ASN A 183 -3.97 18.73 -2.05
N GLY A 184 -3.19 17.92 -2.73
CA GLY A 184 -2.96 16.56 -2.30
C GLY A 184 -3.99 15.61 -2.88
N LEU A 185 -4.05 14.43 -2.27
CA LEU A 185 -4.98 13.40 -2.68
C LEU A 185 -5.92 13.06 -1.52
N GLN A 186 -7.05 12.47 -1.87
CA GLN A 186 -8.08 12.09 -0.90
C GLN A 186 -8.88 10.95 -1.51
N LYS A 187 -9.12 9.90 -0.73
CA LYS A 187 -9.81 8.71 -1.22
C LYS A 187 -10.81 8.25 -0.17
N LYS A 188 -12.07 8.14 -0.58
CA LYS A 188 -13.16 7.70 0.30
C LYS A 188 -13.50 6.26 0.00
N ILE A 189 -13.48 5.42 1.04
CA ILE A 189 -13.73 3.99 0.91
C ILE A 189 -14.85 3.58 1.86
N HIS A 190 -15.56 2.50 1.50
CA HIS A 190 -16.63 1.95 2.31
C HIS A 190 -16.16 0.66 2.96
N LEU A 191 -16.18 0.61 4.29
CA LEU A 191 -15.88 -0.61 5.03
C LEU A 191 -17.19 -1.29 5.37
N THR A 192 -17.26 -2.60 5.10
CA THR A 192 -18.40 -3.42 5.50
C THR A 192 -17.88 -4.63 6.24
N VAL A 193 -18.62 -5.06 7.26
CA VAL A 193 -18.20 -6.14 8.15
C VAL A 193 -19.00 -7.40 7.84
N HIS A 194 -18.31 -8.52 7.77
CA HIS A 194 -18.91 -9.79 7.38
C HIS A 194 -18.38 -10.90 8.27
N VAL A 195 -19.17 -11.96 8.41
CA VAL A 195 -18.94 -13.00 9.41
C VAL A 195 -18.36 -14.24 8.73
N ALA A 196 -17.35 -14.84 9.36
CA ALA A 196 -16.75 -16.06 8.87
C ALA A 196 -17.77 -17.20 8.94
N PRO A 197 -17.72 -18.13 7.98
CA PRO A 197 -18.69 -19.23 7.98
C PRO A 197 -18.43 -20.21 9.11
N LYS A 198 -19.49 -20.88 9.54
CA LYS A 198 -19.45 -21.85 10.62
C LYS A 198 -20.33 -23.04 10.26
N VAL A 199 -19.79 -24.25 10.38
CA VAL A 199 -20.63 -25.42 10.30
C VAL A 199 -21.51 -25.49 11.53
N LYS A 200 -22.80 -25.81 11.33
CA LYS A 200 -23.77 -25.76 12.42
C LYS A 200 -23.37 -26.73 13.54
N GLU A 201 -22.88 -27.91 13.16
CA GLU A 201 -22.61 -28.98 14.10
C GLU A 201 -21.19 -29.47 13.88
N ASP A 202 -20.42 -29.48 14.97
CA ASP A 202 -19.01 -29.84 14.88
C ASP A 202 -18.86 -31.26 14.36
N PHE A 203 -19.61 -32.20 14.92
CA PHE A 203 -19.40 -33.61 14.63
C PHE A 203 -20.67 -34.36 15.05
N THR A 204 -21.25 -35.12 14.13
CA THR A 204 -22.49 -35.86 14.34
C THR A 204 -22.25 -37.33 13.98
N VAL A 205 -22.91 -38.25 14.69
CA VAL A 205 -22.75 -39.67 14.39
C VAL A 205 -23.86 -40.08 13.46
N ILE A 206 -23.50 -40.75 12.37
CA ILE A 206 -24.45 -41.37 11.46
C ILE A 206 -24.20 -42.87 11.51
N THR A 207 -25.21 -43.63 11.91
CA THR A 207 -25.09 -45.08 12.04
C THR A 207 -26.22 -45.75 11.27
N VAL A 208 -25.87 -46.82 10.56
CA VAL A 208 -26.80 -47.52 9.68
C VAL A 208 -26.40 -48.99 9.62
N ARG A 209 -27.29 -49.82 9.08
CA ARG A 209 -26.99 -51.20 8.76
C ARG A 209 -26.33 -51.27 7.38
N LYS A 210 -25.74 -52.42 7.09
CA LYS A 210 -24.92 -52.55 5.89
C LYS A 210 -25.78 -52.56 4.62
N GLY A 211 -25.28 -51.91 3.58
CA GLY A 211 -25.91 -51.98 2.26
C GLY A 211 -27.07 -51.04 2.04
N PHE A 212 -27.15 -49.94 2.77
CA PHE A 212 -28.27 -49.00 2.66
C PHE A 212 -27.77 -47.67 2.09
N THR A 213 -28.73 -46.87 1.60
CA THR A 213 -28.48 -45.53 1.08
C THR A 213 -28.23 -44.62 2.27
N ALA A 214 -26.98 -44.63 2.73
CA ALA A 214 -26.58 -43.80 3.86
C ALA A 214 -26.69 -42.33 3.47
N HIS A 215 -27.25 -41.52 4.37
CA HIS A 215 -27.63 -40.15 4.08
C HIS A 215 -26.88 -39.21 5.02
N LEU A 216 -25.95 -38.42 4.47
CA LEU A 216 -25.14 -37.52 5.26
C LEU A 216 -25.74 -36.10 5.20
N LYS A 217 -25.42 -35.28 6.22
CA LYS A 217 -26.03 -33.96 6.37
C LYS A 217 -24.99 -32.95 6.82
N CYS A 218 -24.98 -31.77 6.17
CA CYS A 218 -24.06 -30.71 6.55
C CYS A 218 -24.51 -29.34 6.03
N GLU A 219 -25.41 -28.68 6.75
CA GLU A 219 -25.79 -27.28 6.56
C GLU A 219 -24.75 -26.41 7.24
N VAL A 220 -24.51 -25.23 6.68
CA VAL A 220 -23.53 -24.32 7.22
C VAL A 220 -24.06 -22.88 7.16
N PHE A 221 -23.65 -22.08 8.13
CA PHE A 221 -24.04 -20.68 8.18
C PHE A 221 -22.96 -19.82 7.53
N GLY A 222 -23.39 -18.87 6.70
CA GLY A 222 -22.45 -17.97 6.06
C GLY A 222 -23.15 -17.12 5.03
N GLU A 223 -22.34 -16.29 4.37
CA GLU A 223 -22.81 -15.39 3.33
C GLU A 223 -22.37 -15.92 1.98
N PRO A 224 -23.27 -15.98 0.99
CA PRO A 224 -22.92 -16.64 -0.26
C PRO A 224 -21.80 -15.90 -0.96
N PRO A 225 -20.93 -16.61 -1.69
CA PRO A 225 -21.03 -18.06 -1.94
C PRO A 225 -20.34 -18.92 -0.88
N LEU A 226 -20.71 -20.20 -0.83
CA LEU A 226 -20.06 -21.18 0.04
C LEU A 226 -19.81 -22.43 -0.80
N ASN A 227 -18.58 -22.94 -0.77
CA ASN A 227 -18.18 -24.05 -1.62
C ASN A 227 -17.72 -25.20 -0.73
N ILE A 228 -18.54 -26.25 -0.66
CA ILE A 228 -18.35 -27.34 0.29
C ILE A 228 -17.68 -28.52 -0.39
N ILE A 229 -16.73 -29.14 0.31
CA ILE A 229 -15.98 -30.30 -0.19
C ILE A 229 -15.98 -31.35 0.91
N TRP A 230 -16.43 -32.57 0.58
CA TRP A 230 -16.40 -33.69 1.50
C TRP A 230 -15.12 -34.52 1.32
N LYS A 231 -14.71 -35.17 2.41
CA LYS A 231 -13.46 -35.93 2.40
C LYS A 231 -13.57 -37.13 3.33
N LYS A 232 -12.65 -38.08 3.13
CA LYS A 232 -12.44 -39.21 4.03
C LYS A 232 -10.95 -39.49 4.12
N GLU A 233 -10.42 -39.49 5.34
CA GLU A 233 -8.98 -39.67 5.57
C GLU A 233 -8.15 -38.78 4.65
N ASP A 234 -8.62 -37.54 4.47
CA ASP A 234 -7.92 -36.52 3.68
C ASP A 234 -7.89 -36.86 2.18
N LYS A 235 -8.96 -37.47 1.68
CA LYS A 235 -9.15 -37.70 0.26
C LYS A 235 -10.55 -37.25 -0.14
N ILE A 236 -10.66 -36.67 -1.33
CA ILE A 236 -11.90 -36.05 -1.77
C ILE A 236 -12.94 -37.13 -2.10
N ILE A 237 -14.20 -36.81 -1.83
CA ILE A 237 -15.32 -37.64 -2.27
C ILE A 237 -15.78 -37.14 -3.63
N ALA A 238 -15.88 -38.06 -4.59
CA ALA A 238 -16.12 -37.70 -5.98
C ALA A 238 -17.55 -37.21 -6.22
N PHE A 245 -21.08 -42.69 -5.00
CA PHE A 245 -20.96 -41.34 -4.47
C PHE A 245 -21.96 -40.42 -5.17
N GLU A 246 -22.62 -39.57 -4.39
CA GLU A 246 -23.55 -38.59 -4.95
C GLU A 246 -23.80 -37.52 -3.89
N THR A 247 -23.68 -36.25 -4.29
CA THR A 247 -23.67 -35.13 -3.37
C THR A 247 -24.65 -34.06 -3.86
N LEU A 248 -25.46 -33.54 -2.94
CA LEU A 248 -26.40 -32.47 -3.22
C LEU A 248 -26.07 -31.27 -2.34
N GLN A 249 -26.05 -30.08 -2.94
CA GLN A 249 -25.66 -28.84 -2.27
C GLN A 249 -26.71 -27.78 -2.57
N GLU A 250 -27.75 -27.72 -1.75
CA GLU A 250 -28.79 -26.71 -1.89
C GLU A 250 -28.49 -25.51 -1.01
N ASN A 251 -28.69 -24.32 -1.57
CA ASN A 251 -28.37 -23.09 -0.86
C ASN A 251 -29.53 -22.68 0.05
N THR A 252 -29.29 -21.66 0.85
CA THR A 252 -30.35 -20.94 1.55
C THR A 252 -29.93 -19.46 1.65
N ALA A 253 -30.52 -18.73 2.59
CA ALA A 253 -30.18 -17.32 2.77
C ALA A 253 -28.97 -17.14 3.68
N ASN A 254 -29.05 -17.72 4.89
CA ASN A 254 -27.98 -17.65 5.89
C ASN A 254 -26.86 -18.65 5.65
N GLY A 255 -26.67 -19.10 4.41
CA GLY A 255 -25.69 -20.13 4.13
C GLY A 255 -26.20 -21.16 3.14
N ALA A 256 -26.02 -22.44 3.46
CA ALA A 256 -26.44 -23.53 2.59
C ALA A 256 -26.44 -24.82 3.39
N THR A 257 -27.06 -25.85 2.83
CA THR A 257 -26.99 -27.21 3.36
C THR A 257 -26.55 -28.18 2.29
N SER A 258 -25.76 -29.17 2.70
CA SER A 258 -25.19 -30.16 1.82
C SER A 258 -25.65 -31.53 2.29
N ASP A 259 -26.54 -32.15 1.52
CA ASP A 259 -27.08 -33.48 1.77
C ASP A 259 -26.41 -34.43 0.79
N THR A 260 -25.50 -35.27 1.27
CA THR A 260 -24.80 -36.21 0.40
C THR A 260 -25.05 -37.63 0.86
N LEU A 261 -25.06 -38.57 -0.10
CA LEU A 261 -25.44 -39.94 0.19
C LEU A 261 -24.48 -40.91 -0.47
N ILE A 262 -24.25 -42.02 0.22
CA ILE A 262 -23.41 -43.11 -0.26
C ILE A 262 -24.29 -44.36 -0.35
N ASN A 263 -24.35 -44.95 -1.54
CA ASN A 263 -25.18 -46.13 -1.77
C ASN A 263 -24.36 -47.38 -1.51
N ASP A 264 -24.97 -48.34 -0.80
CA ASP A 264 -24.33 -49.61 -0.46
C ASP A 264 -23.12 -49.41 0.44
N SER A 265 -23.28 -49.66 1.74
CA SER A 265 -22.23 -49.39 2.70
C SER A 265 -21.26 -50.56 2.79
N GLN A 266 -20.04 -50.26 3.28
CA GLN A 266 -19.02 -51.26 3.48
C GLN A 266 -18.28 -51.00 4.79
N GLN A 267 -17.65 -52.04 5.32
CA GLN A 267 -16.92 -51.95 6.57
C GLN A 267 -15.57 -51.25 6.43
N ASN A 268 -15.02 -51.17 5.22
CA ASN A 268 -13.85 -50.34 4.99
C ASN A 268 -14.20 -48.89 4.74
N ASP A 269 -15.46 -48.61 4.36
CA ASP A 269 -15.94 -47.23 4.31
C ASP A 269 -16.20 -46.68 5.71
N SER A 270 -16.52 -47.55 6.66
CA SER A 270 -16.80 -47.12 8.02
C SER A 270 -15.58 -46.42 8.62
N GLY A 271 -15.80 -45.22 9.12
CA GLY A 271 -14.75 -44.39 9.67
C GLY A 271 -15.25 -42.99 9.96
N ILE A 272 -14.47 -41.97 9.61
CA ILE A 272 -14.88 -40.59 9.78
C ILE A 272 -14.76 -39.85 8.46
N TYR A 273 -15.64 -38.88 8.26
CA TYR A 273 -15.68 -38.08 7.04
C TYR A 273 -15.61 -36.60 7.43
N THR A 274 -15.35 -35.74 6.46
CA THR A 274 -15.07 -34.34 6.72
C THR A 274 -15.82 -33.45 5.75
N CYS A 275 -16.77 -32.67 6.27
CA CYS A 275 -17.48 -31.65 5.49
C CYS A 275 -16.72 -30.34 5.67
N HIS A 276 -15.94 -29.95 4.66
CA HIS A 276 -15.15 -28.74 4.70
C HIS A 276 -15.78 -27.68 3.80
N VAL A 277 -15.95 -26.47 4.32
CA VAL A 277 -16.50 -25.35 3.60
C VAL A 277 -15.44 -24.26 3.50
N SER A 278 -15.39 -23.59 2.35
CA SER A 278 -14.46 -22.50 2.12
C SER A 278 -15.20 -21.28 1.60
N SER A 279 -14.66 -20.11 1.90
CA SER A 279 -15.30 -18.85 1.52
C SER A 279 -14.23 -17.76 1.47
N GLN A 280 -14.65 -16.56 1.08
CA GLN A 280 -13.74 -15.42 1.10
C GLN A 280 -13.56 -14.85 2.50
N PHE A 281 -14.47 -15.17 3.42
CA PHE A 281 -14.42 -14.68 4.79
C PHE A 281 -13.94 -15.73 5.79
N GLY A 282 -13.57 -16.92 5.32
CA GLY A 282 -13.03 -17.93 6.20
C GLY A 282 -13.30 -19.32 5.66
N GLU A 283 -13.01 -20.32 6.50
CA GLU A 283 -13.23 -21.71 6.17
C GLU A 283 -13.50 -22.48 7.45
N ALA A 284 -14.34 -23.50 7.34
CA ALA A 284 -14.74 -24.31 8.50
C ALA A 284 -14.74 -25.77 8.10
N GLU A 285 -14.76 -26.63 9.13
CA GLU A 285 -14.77 -28.07 8.93
C GLU A 285 -15.65 -28.72 9.99
N GLY A 286 -16.57 -29.56 9.54
CA GLY A 286 -17.27 -30.50 10.39
C GLY A 286 -16.84 -31.91 10.03
N LYS A 287 -16.65 -32.73 11.05
CA LYS A 287 -16.25 -34.13 10.87
C LYS A 287 -17.43 -35.03 11.19
N ILE A 288 -18.03 -35.62 10.16
CA ILE A 288 -19.13 -36.55 10.31
C ILE A 288 -18.55 -37.96 10.36
N GLN A 289 -19.09 -38.78 11.26
CA GLN A 289 -18.59 -40.13 11.47
C GLN A 289 -19.65 -41.18 11.11
N LEU A 290 -19.18 -42.27 10.52
CA LEU A 290 -20.03 -43.34 10.00
C LEU A 290 -19.58 -44.67 10.59
N VAL A 291 -20.54 -45.43 11.11
CA VAL A 291 -20.31 -46.80 11.53
C VAL A 291 -21.39 -47.68 10.91
N VAL A 292 -20.97 -48.80 10.32
CA VAL A 292 -21.89 -49.76 9.71
C VAL A 292 -22.01 -50.99 10.61
N LEU A 293 -23.14 -51.10 11.30
CA LEU A 293 -23.43 -52.29 12.08
C LEU A 293 -23.98 -53.38 11.17
N GLU A 294 -23.99 -54.60 11.69
CA GLU A 294 -24.43 -55.75 10.89
C GLU A 294 -25.90 -55.64 10.47
C1 NAG B . 3.32 -1.65 5.49
C2 NAG B . 3.11 -2.46 4.24
C3 NAG B . 2.72 -3.90 4.53
C4 NAG B . 3.71 -4.51 5.51
C5 NAG B . 3.71 -3.65 6.75
C6 NAG B . 4.70 -4.11 7.80
C7 NAG B . 2.42 -0.97 2.40
C8 NAG B . 1.27 -0.40 1.64
N2 NAG B . 2.11 -1.82 3.39
O3 NAG B . 2.75 -4.62 3.31
O4 NAG B . 3.36 -5.86 5.81
O5 NAG B . 4.09 -2.33 6.38
O6 NAG B . 4.81 -3.15 8.85
O7 NAG B . 3.58 -0.67 2.15
#